data_6KWR
#
_entry.id   6KWR
#
_cell.length_a   130.008
_cell.length_b   76.454
_cell.length_c   68.075
_cell.angle_alpha   90.000
_cell.angle_beta   94.920
_cell.angle_gamma   90.000
#
_symmetry.space_group_name_H-M   'C 1 2 1'
#
loop_
_entity.id
_entity.type
_entity.pdbx_description
1 polymer 'RNA-dependent RNA polymerase'
2 polymer 'RNA (31-MER)'
3 polymer "RNA (5'-R(*UP*GP*UP*UP*CP*CP*GP*AP*GP*AP*GP*A)-D(P*(DOC))-3')"
4 non-polymer 'MAGNESIUM ION'
5 non-polymer 'ZINC ION'
6 non-polymer "2',3'-DIDEOXYCYTIDINE 5'-TRIPHOSPHATE"
7 water water
#
loop_
_entity_poly.entity_id
_entity_poly.type
_entity_poly.pdbx_seq_one_letter_code
_entity_poly.pdbx_strand_id
1 'polypeptide(L)'
;GEIQWVKPNKETGRLNINGPTRTKLEPSVFHDIFEGNKEPAVLHSKDPRLEVDFEQALFSKYVGNTLHEPDEYIKEAALH
YANQLKQLEINTSQMSMEEACYGTENLEAIDLHTSAGYPYSALGIKKRDILDPTTRDVSKMKFYMDKYGLDLPYSTYVKD
ELRSIDKIKKGKSRLIEASSLNDSVYLRMAFGHLYEAFHANPGTITGSAVGCNPDTFWSKLPILLPGSLFAFDYSGYDAS
LSPVWFRALELVLREIGYSEEAVSLIEGINHTHHVYRNKTYCVLGGMPSGCSGTSIFNSMINNIIIRALLIKTFKGIDLD
ELNMVAYGDDVLASYPFPIDCLELAKTGKEYGLTMTPADKSPCFNEVNWGNATFLKRGFLPDEQFPFLIHPTMPMREIHE
SIRWTKDARNTQDHVRSLCLLAWHNGKQEYEKFVSTIRSVPVGRALAIPNYENLRRNWLELFHHHHHH
;
A
2 'polyribonucleotide' GGGAGAUGAAAGUCUCCAGGUCUCUCGGAAA B
3 'polyribonucleotide' UGUUCCGAGAGA(DOC) C
#
loop_
_chem_comp.id
_chem_comp.type
_chem_comp.name
_chem_comp.formula
A RNA linking ADENOSINE-5'-MONOPHOSPHATE 'C10 H14 N5 O7 P'
C RNA linking CYTIDINE-5'-MONOPHOSPHATE 'C9 H14 N3 O8 P'
DCT DNA linking '2',3'-DIDEOXYCYTIDINE 5'-TRIPHOSPHATE' 'C9 H16 N3 O12 P3'
DOC DNA linking 2',3'-DIDEOXYCYTIDINE-5'-MONOPHOSPHATE 'C9 H14 N3 O6 P'
G RNA linking GUANOSINE-5'-MONOPHOSPHATE 'C10 H14 N5 O8 P'
MG non-polymer 'MAGNESIUM ION' 'Mg 2'
U RNA linking URIDINE-5'-MONOPHOSPHATE 'C9 H13 N2 O9 P'
ZN non-polymer 'ZINC ION' 'Zn 2'
#
# COMPACT_ATOMS: atom_id res chain seq x y z
N GLY A 1 -15.81 4.77 4.76
CA GLY A 1 -15.70 3.79 5.83
C GLY A 1 -16.06 4.45 7.15
N GLU A 2 -16.83 3.76 7.99
CA GLU A 2 -17.45 4.40 9.13
C GLU A 2 -17.65 3.40 10.26
N ILE A 3 -17.19 3.79 11.45
CA ILE A 3 -17.38 2.97 12.64
C ILE A 3 -18.85 2.97 13.01
N GLN A 4 -19.40 1.78 13.25
CA GLN A 4 -20.82 1.62 13.54
C GLN A 4 -21.12 1.72 15.02
N TRP A 5 -20.24 1.16 15.85
CA TRP A 5 -20.37 1.13 17.31
C TRP A 5 -19.01 0.81 17.90
N VAL A 6 -18.87 1.06 19.22
CA VAL A 6 -17.69 0.69 20.00
C VAL A 6 -18.13 0.08 21.32
N LYS A 7 -17.51 -1.05 21.71
CA LYS A 7 -17.87 -1.84 22.90
C LYS A 7 -16.61 -2.34 23.59
N PRO A 8 -16.52 -2.22 24.92
CA PRO A 8 -15.34 -2.75 25.63
C PRO A 8 -15.28 -4.26 25.58
N ASN A 9 -14.05 -4.79 25.61
CA ASN A 9 -13.82 -6.23 25.49
C ASN A 9 -14.54 -7.01 26.58
N LYS A 10 -14.64 -6.44 27.79
CA LYS A 10 -15.42 -7.02 28.90
C LYS A 10 -16.75 -7.52 28.38
N GLU A 11 -17.37 -6.72 27.51
CA GLU A 11 -18.69 -7.00 26.95
C GLU A 11 -18.64 -7.84 25.69
N THR A 12 -17.60 -7.68 24.87
CA THR A 12 -17.44 -8.45 23.65
C THR A 12 -16.59 -9.69 23.84
N GLY A 13 -16.10 -9.92 25.07
CA GLY A 13 -15.34 -11.12 25.35
C GLY A 13 -14.06 -11.25 24.56
N ARG A 14 -13.49 -10.12 24.14
CA ARG A 14 -12.32 -10.14 23.28
C ARG A 14 -11.03 -10.02 24.08
N LEU A 15 -10.02 -10.77 23.66
CA LEU A 15 -8.68 -10.64 24.21
C LEU A 15 -8.10 -9.26 23.86
N ASN A 16 -7.36 -8.68 24.79
CA ASN A 16 -6.83 -7.33 24.61
C ASN A 16 -5.60 -7.31 23.72
N ILE A 17 -5.51 -6.29 22.87
CA ILE A 17 -4.47 -6.18 21.84
C ILE A 17 -3.72 -4.88 22.11
N ASN A 18 -2.57 -4.99 22.78
CA ASN A 18 -1.72 -3.84 23.07
C ASN A 18 -0.29 -4.16 22.62
N GLY A 19 0.31 -3.22 21.87
CA GLY A 19 1.66 -3.32 21.40
C GLY A 19 2.50 -2.20 21.97
N PRO A 20 3.67 -1.96 21.41
CA PRO A 20 4.57 -0.94 21.98
C PRO A 20 3.93 0.44 22.05
N THR A 21 4.37 1.23 23.02
CA THR A 21 4.06 2.65 23.10
C THR A 21 5.32 3.51 23.07
N ARG A 22 6.47 2.89 22.81
CA ARG A 22 7.75 3.58 22.68
C ARG A 22 8.37 3.20 21.35
N THR A 23 8.98 4.17 20.67
CA THR A 23 9.58 3.90 19.36
C THR A 23 10.91 3.19 19.52
N LYS A 24 11.21 2.35 18.54
CA LYS A 24 12.53 1.74 18.42
C LYS A 24 13.46 2.61 17.60
N LEU A 25 12.99 3.77 17.15
CA LEU A 25 13.80 4.69 16.35
C LEU A 25 14.58 5.65 17.23
N GLU A 26 15.83 5.92 16.86
CA GLU A 26 16.63 6.91 17.57
C GLU A 26 17.63 7.51 16.60
N PRO A 27 18.11 8.73 16.88
CA PRO A 27 19.03 9.38 15.94
C PRO A 27 20.28 8.55 15.69
N SER A 28 20.68 8.52 14.43
CA SER A 28 21.90 7.86 13.99
C SER A 28 23.08 8.79 14.17
N VAL A 29 24.25 8.31 13.79
CA VAL A 29 25.45 9.13 13.73
C VAL A 29 25.35 10.24 12.66
N PHE A 30 24.44 10.12 11.68
CA PHE A 30 24.25 11.15 10.66
C PHE A 30 23.13 12.13 11.01
N HIS A 31 22.58 12.09 12.23
CA HIS A 31 21.41 12.90 12.58
C HIS A 31 21.66 14.40 12.48
N ASP A 32 22.92 14.83 12.50
CA ASP A 32 23.24 16.26 12.60
C ASP A 32 23.97 16.83 11.40
N ILE A 33 24.53 15.98 10.53
CA ILE A 33 25.14 16.46 9.30
C ILE A 33 24.13 16.53 8.17
N PHE A 34 22.92 16.05 8.39
CA PHE A 34 21.86 16.12 7.41
C PHE A 34 20.67 16.86 8.02
N GLU A 35 19.94 17.58 7.17
CA GLU A 35 18.72 18.25 7.57
C GLU A 35 17.53 17.30 7.46
N GLY A 36 16.49 17.58 8.25
CA GLY A 36 15.24 16.86 8.17
C GLY A 36 14.28 17.32 9.26
N ASN A 37 13.00 17.04 9.07
CA ASN A 37 12.02 17.39 10.09
C ASN A 37 11.21 16.21 10.59
N LYS A 38 11.49 15.00 10.13
CA LYS A 38 10.68 13.85 10.52
C LYS A 38 11.20 13.27 11.82
N GLU A 39 10.28 13.00 12.73
CA GLU A 39 10.52 12.35 14.01
C GLU A 39 9.60 11.13 14.09
N PRO A 40 9.91 10.16 14.97
CA PRO A 40 9.04 9.00 15.12
C PRO A 40 7.65 9.38 15.59
N ALA A 41 6.67 8.62 15.10
CA ALA A 41 5.26 8.96 15.23
C ALA A 41 4.79 8.76 16.66
N VAL A 42 3.76 9.52 17.02
CA VAL A 42 3.19 9.43 18.36
C VAL A 42 2.61 8.04 18.56
N LEU A 43 3.12 7.33 19.57
CA LEU A 43 2.59 6.03 19.95
C LEU A 43 1.72 6.09 21.19
N HIS A 44 1.83 7.16 21.97
CA HIS A 44 1.29 7.25 23.32
C HIS A 44 0.46 8.52 23.47
N SER A 45 -0.71 8.40 24.10
CA SER A 45 -1.63 9.52 24.26
C SER A 45 -1.00 10.71 24.96
N LYS A 46 0.02 10.49 25.78
CA LYS A 46 0.61 11.57 26.56
C LYS A 46 1.90 12.10 25.94
N ASP A 47 2.09 11.90 24.64
CA ASP A 47 3.29 12.41 23.98
C ASP A 47 3.35 13.92 24.17
N PRO A 48 4.44 14.47 24.74
CA PRO A 48 4.48 15.92 24.96
C PRO A 48 4.40 16.71 23.67
N ARG A 49 4.68 16.07 22.53
CA ARG A 49 4.66 16.74 21.24
C ARG A 49 3.26 16.88 20.65
N LEU A 50 2.25 16.26 21.25
CA LEU A 50 0.89 16.30 20.73
C LEU A 50 0.23 17.66 20.94
N GLU A 51 -0.60 18.08 19.98
CA GLU A 51 -1.38 19.31 20.07
C GLU A 51 -2.87 19.05 19.84
N VAL A 52 -3.26 17.79 19.73
CA VAL A 52 -4.63 17.35 19.48
C VAL A 52 -4.88 16.20 20.45
N ASP A 53 -6.15 15.80 20.58
CA ASP A 53 -6.47 14.57 21.29
C ASP A 53 -6.03 13.38 20.43
N PHE A 54 -5.23 12.49 21.02
CA PHE A 54 -4.53 11.47 20.23
C PHE A 54 -5.49 10.49 19.56
N GLU A 55 -6.42 9.92 20.33
CA GLU A 55 -7.24 8.85 19.76
C GLU A 55 -8.25 9.40 18.75
N GLN A 56 -8.84 10.56 19.04
CA GLN A 56 -9.76 11.15 18.08
C GLN A 56 -9.05 11.52 16.79
N ALA A 57 -7.77 11.91 16.88
CA ALA A 57 -7.00 12.11 15.65
C ALA A 57 -6.78 10.79 14.92
N LEU A 58 -6.51 9.71 15.67
CA LEU A 58 -6.30 8.40 15.07
C LEU A 58 -7.50 7.98 14.22
N PHE A 59 -8.70 8.14 14.74
CA PHE A 59 -9.89 7.59 14.11
C PHE A 59 -10.69 8.63 13.33
N SER A 60 -10.14 9.84 13.14
CA SER A 60 -10.81 10.84 12.33
C SER A 60 -10.79 10.50 10.84
N LYS A 61 -10.02 9.49 10.43
CA LYS A 61 -10.03 9.07 9.04
C LYS A 61 -11.33 8.35 8.67
N TYR A 62 -12.00 7.72 9.63
CA TYR A 62 -13.26 7.07 9.34
C TYR A 62 -14.32 8.15 9.17
N VAL A 63 -14.31 8.77 7.98
CA VAL A 63 -15.07 9.96 7.71
C VAL A 63 -16.49 9.67 7.22
N GLY A 64 -16.90 8.40 7.18
CA GLY A 64 -18.26 8.04 6.84
C GLY A 64 -18.39 7.47 5.42
N ASN A 65 -19.56 6.91 5.17
CA ASN A 65 -19.96 6.39 3.87
C ASN A 65 -20.93 7.37 3.22
N THR A 66 -20.88 7.48 1.90
CA THR A 66 -21.89 8.27 1.22
C THR A 66 -22.86 7.41 0.43
N LEU A 67 -22.37 6.38 -0.25
CA LEU A 67 -23.19 5.62 -1.18
C LEU A 67 -22.91 4.15 -0.97
N HIS A 68 -23.97 3.35 -0.89
CA HIS A 68 -23.85 1.94 -0.59
C HIS A 68 -24.09 1.00 -1.76
N GLU A 69 -24.74 1.45 -2.83
CA GLU A 69 -24.97 0.63 -4.01
C GLU A 69 -24.54 1.35 -5.27
N PRO A 70 -23.91 0.65 -6.22
CA PRO A 70 -23.45 1.31 -7.44
C PRO A 70 -24.55 2.03 -8.20
N ASP A 71 -24.19 3.18 -8.78
CA ASP A 71 -25.03 3.82 -9.77
C ASP A 71 -24.70 3.25 -11.16
N GLU A 72 -25.31 3.81 -12.21
CA GLU A 72 -25.03 3.35 -13.56
C GLU A 72 -23.56 3.52 -13.93
N TYR A 73 -22.93 4.61 -13.49
CA TYR A 73 -21.53 4.88 -13.85
C TYR A 73 -20.58 3.88 -13.21
N ILE A 74 -20.70 3.69 -11.90
CA ILE A 74 -19.88 2.71 -11.22
C ILE A 74 -20.08 1.33 -11.84
N LYS A 75 -21.32 1.00 -12.19
CA LYS A 75 -21.57 -0.28 -12.84
C LYS A 75 -20.84 -0.40 -14.17
N GLU A 76 -20.96 0.62 -15.05
CA GLU A 76 -20.27 0.58 -16.33
C GLU A 76 -18.77 0.54 -16.14
N ALA A 77 -18.23 1.49 -15.35
CA ALA A 77 -16.82 1.46 -14.99
C ALA A 77 -16.38 0.05 -14.59
N ALA A 78 -17.13 -0.58 -13.68
CA ALA A 78 -16.76 -1.91 -13.20
C ALA A 78 -16.79 -2.94 -14.31
N LEU A 79 -17.75 -2.81 -15.23
CA LEU A 79 -17.75 -3.69 -16.38
C LEU A 79 -16.63 -3.37 -17.35
N HIS A 80 -16.29 -2.09 -17.53
CA HIS A 80 -15.18 -1.79 -18.43
C HIS A 80 -13.90 -2.45 -17.93
N TYR A 81 -13.48 -2.12 -16.69
CA TYR A 81 -12.31 -2.73 -16.10
C TYR A 81 -12.37 -4.26 -16.15
N ALA A 82 -13.49 -4.85 -15.73
CA ALA A 82 -13.62 -6.31 -15.73
C ALA A 82 -13.36 -6.89 -17.12
N ASN A 83 -13.96 -6.28 -18.13
CA ASN A 83 -13.74 -6.73 -19.50
C ASN A 83 -12.29 -6.62 -19.91
N GLN A 84 -11.62 -5.52 -19.52
CA GLN A 84 -10.21 -5.38 -19.80
C GLN A 84 -9.41 -6.54 -19.18
N LEU A 85 -9.82 -6.98 -17.98
CA LEU A 85 -9.09 -7.97 -17.21
C LEU A 85 -9.21 -9.38 -17.76
N LYS A 86 -10.31 -9.66 -18.50
CA LYS A 86 -10.56 -11.00 -19.01
C LYS A 86 -9.39 -11.54 -19.82
N GLN A 87 -8.67 -10.68 -20.52
CA GLN A 87 -7.58 -11.16 -21.37
C GLN A 87 -6.43 -11.76 -20.57
N LEU A 88 -6.31 -11.42 -19.29
CA LEU A 88 -5.30 -12.06 -18.47
C LEU A 88 -5.61 -13.53 -18.21
N GLU A 89 -6.85 -13.96 -18.42
CA GLU A 89 -7.29 -15.32 -18.14
C GLU A 89 -6.85 -15.75 -16.75
N ILE A 90 -7.28 -14.96 -15.77
CA ILE A 90 -6.99 -15.26 -14.38
C ILE A 90 -7.63 -16.59 -14.00
N ASN A 91 -6.88 -17.41 -13.27
CA ASN A 91 -7.40 -18.67 -12.76
C ASN A 91 -8.22 -18.42 -11.50
N THR A 92 -9.53 -18.66 -11.60
CA THR A 92 -10.48 -18.51 -10.50
C THR A 92 -10.55 -19.74 -9.61
N SER A 93 -9.74 -20.77 -9.85
CA SER A 93 -9.83 -21.94 -9.01
C SER A 93 -9.11 -21.68 -7.69
N GLN A 94 -9.52 -22.40 -6.64
CA GLN A 94 -8.92 -22.21 -5.32
C GLN A 94 -7.48 -22.70 -5.34
N MET A 95 -6.58 -21.85 -4.84
CA MET A 95 -5.16 -22.19 -4.72
C MET A 95 -4.98 -23.19 -3.58
N SER A 96 -4.03 -24.11 -3.74
CA SER A 96 -3.81 -25.10 -2.70
C SER A 96 -3.33 -24.44 -1.42
N MET A 97 -3.68 -25.05 -0.28
CA MET A 97 -3.29 -24.45 0.99
C MET A 97 -1.77 -24.45 1.18
N GLU A 98 -1.07 -25.44 0.62
CA GLU A 98 0.38 -25.43 0.69
C GLU A 98 0.93 -24.25 -0.11
N GLU A 99 0.46 -24.08 -1.34
CA GLU A 99 0.88 -22.95 -2.16
C GLU A 99 0.64 -21.62 -1.45
N ALA A 100 -0.56 -21.45 -0.90
CA ALA A 100 -0.94 -20.20 -0.27
C ALA A 100 -0.23 -19.95 1.05
N CYS A 101 0.39 -20.97 1.64
CA CYS A 101 1.12 -20.76 2.89
C CYS A 101 2.59 -20.49 2.62
N TYR A 102 3.16 -21.18 1.64
CA TYR A 102 4.59 -21.20 1.39
C TYR A 102 4.99 -20.52 0.08
N GLY A 103 4.04 -19.97 -0.66
CA GLY A 103 4.36 -19.12 -1.78
C GLY A 103 4.51 -19.87 -3.09
N THR A 104 4.44 -19.11 -4.19
CA THR A 104 4.66 -19.62 -5.54
C THR A 104 5.70 -18.75 -6.23
N GLU A 105 5.73 -18.83 -7.57
CA GLU A 105 6.70 -18.07 -8.35
C GLU A 105 6.37 -16.58 -8.38
N ASN A 106 5.13 -16.21 -8.10
CA ASN A 106 4.67 -14.83 -8.23
C ASN A 106 3.85 -14.38 -7.02
N LEU A 107 3.94 -15.11 -5.93
CA LEU A 107 3.27 -14.72 -4.70
C LEU A 107 4.16 -15.24 -3.57
N GLU A 108 4.68 -14.32 -2.74
CA GLU A 108 5.61 -14.70 -1.70
C GLU A 108 4.93 -15.51 -0.62
N ALA A 109 5.71 -16.32 0.08
CA ALA A 109 5.18 -17.06 1.20
C ALA A 109 4.55 -16.11 2.21
N ILE A 110 3.61 -16.62 3.00
CA ILE A 110 3.12 -15.82 4.12
C ILE A 110 4.33 -15.47 4.98
N ASP A 111 4.39 -14.21 5.42
CA ASP A 111 5.59 -13.69 6.07
C ASP A 111 5.55 -14.10 7.54
N LEU A 112 6.51 -14.92 7.94
CA LEU A 112 6.53 -15.52 9.28
C LEU A 112 7.24 -14.68 10.31
N HIS A 113 7.85 -13.56 9.92
CA HIS A 113 8.52 -12.69 10.87
C HIS A 113 7.54 -11.87 11.69
N THR A 114 6.38 -11.55 11.12
CA THR A 114 5.38 -10.73 11.77
C THR A 114 4.39 -11.57 12.58
N SER A 115 3.50 -10.86 13.28
CA SER A 115 2.51 -11.49 14.15
C SER A 115 1.62 -12.46 13.39
N ALA A 116 1.09 -13.43 14.11
CA ALA A 116 0.03 -14.28 13.61
C ALA A 116 -1.34 -13.71 13.94
N GLY A 117 -1.38 -12.58 14.64
CA GLY A 117 -2.62 -11.87 14.86
C GLY A 117 -3.60 -12.64 15.75
N TYR A 118 -4.80 -12.09 15.84
CA TYR A 118 -5.85 -12.61 16.73
C TYR A 118 -6.31 -14.00 16.29
N PRO A 119 -6.45 -14.93 17.27
CA PRO A 119 -6.16 -14.73 18.69
C PRO A 119 -4.69 -14.99 18.99
N TYR A 120 -4.01 -15.54 17.99
CA TYR A 120 -2.67 -16.09 18.16
C TYR A 120 -1.72 -15.15 18.88
N SER A 121 -1.63 -13.88 18.44
CA SER A 121 -0.70 -12.96 19.09
C SER A 121 -1.02 -12.83 20.57
N ALA A 122 -2.31 -12.78 20.91
CA ALA A 122 -2.75 -12.68 22.29
C ALA A 122 -2.64 -14.00 23.04
N LEU A 123 -2.59 -15.12 22.35
CA LEU A 123 -2.37 -16.40 23.00
C LEU A 123 -0.89 -16.74 23.18
N GLY A 124 0.02 -15.88 22.72
CA GLY A 124 1.43 -16.15 22.75
C GLY A 124 1.92 -17.01 21.62
N ILE A 125 1.00 -17.52 20.78
CA ILE A 125 1.32 -18.41 19.66
C ILE A 125 1.68 -17.60 18.39
N LYS A 126 2.65 -18.12 17.65
CA LYS A 126 3.33 -17.41 16.59
C LYS A 126 3.21 -18.15 15.27
N LYS A 127 3.43 -17.44 14.18
CA LYS A 127 3.26 -18.03 12.85
C LYS A 127 4.11 -19.29 12.70
N ARG A 128 5.39 -19.22 13.09
CA ARG A 128 6.29 -20.35 12.95
C ARG A 128 5.96 -21.47 13.95
N ASP A 129 5.12 -21.22 14.94
CA ASP A 129 4.57 -22.33 15.71
C ASP A 129 3.69 -23.20 14.83
N ILE A 130 3.03 -22.59 13.84
CA ILE A 130 2.02 -23.27 13.04
C ILE A 130 2.53 -23.59 11.65
N LEU A 131 3.38 -22.73 11.08
CA LEU A 131 3.82 -22.93 9.70
C LEU A 131 5.29 -23.30 9.68
N ASP A 132 5.66 -24.17 8.73
CA ASP A 132 7.02 -24.69 8.63
C ASP A 132 7.42 -24.82 7.18
N PRO A 133 8.37 -24.00 6.70
CA PRO A 133 8.76 -24.06 5.29
C PRO A 133 9.72 -25.20 4.99
N THR A 134 10.35 -25.79 6.01
CA THR A 134 11.14 -26.98 5.78
C THR A 134 10.25 -28.15 5.39
N THR A 135 9.19 -28.39 6.17
CA THR A 135 8.30 -29.51 5.91
C THR A 135 7.24 -29.19 4.86
N ARG A 136 6.84 -27.91 4.77
CA ARG A 136 5.72 -27.45 3.93
C ARG A 136 4.38 -27.90 4.50
N ASP A 137 4.37 -28.09 5.82
CA ASP A 137 3.25 -28.70 6.53
C ASP A 137 2.03 -27.80 6.58
N VAL A 138 0.91 -28.33 6.11
CA VAL A 138 -0.37 -27.63 6.14
C VAL A 138 -1.31 -28.21 7.20
N SER A 139 -0.93 -29.31 7.84
CA SER A 139 -1.83 -29.97 8.79
C SER A 139 -2.11 -29.06 9.99
N LYS A 140 -1.06 -28.51 10.59
CA LYS A 140 -1.28 -27.64 11.74
C LYS A 140 -2.12 -26.43 11.36
N MET A 141 -2.06 -26.01 10.10
CA MET A 141 -2.90 -24.91 9.60
C MET A 141 -4.37 -25.33 9.50
N LYS A 142 -4.64 -26.53 8.96
CA LYS A 142 -5.99 -27.09 8.96
C LYS A 142 -6.60 -27.07 10.35
N PHE A 143 -5.83 -27.49 11.35
CA PHE A 143 -6.36 -27.64 12.70
C PHE A 143 -6.78 -26.29 13.27
N TYR A 144 -5.87 -25.32 13.23
CA TYR A 144 -6.17 -24.04 13.83
C TYR A 144 -7.22 -23.27 13.03
N MET A 145 -7.26 -23.50 11.71
CA MET A 145 -8.39 -23.10 10.91
C MET A 145 -9.70 -23.60 11.51
N ASP A 146 -9.83 -24.93 11.67
CA ASP A 146 -11.00 -25.52 12.32
C ASP A 146 -11.23 -24.91 13.71
N LYS A 147 -10.22 -24.98 14.57
CA LYS A 147 -10.38 -24.55 15.96
C LYS A 147 -10.89 -23.11 16.06
N TYR A 148 -10.33 -22.20 15.25
CA TYR A 148 -10.62 -20.78 15.39
C TYR A 148 -11.44 -20.19 14.25
N GLY A 149 -11.64 -20.92 13.16
CA GLY A 149 -12.55 -20.43 12.13
C GLY A 149 -11.96 -19.31 11.29
N LEU A 150 -12.87 -18.51 10.74
CA LEU A 150 -12.53 -17.43 9.81
C LEU A 150 -13.37 -16.20 10.14
N ASP A 151 -13.10 -15.11 9.41
CA ASP A 151 -13.69 -13.80 9.69
C ASP A 151 -13.41 -13.36 11.13
N LEU A 152 -12.17 -13.50 11.55
CA LEU A 152 -11.74 -13.05 12.87
C LEU A 152 -11.47 -11.55 12.90
N PRO A 153 -11.49 -10.94 14.08
CA PRO A 153 -11.28 -9.49 14.15
C PRO A 153 -9.86 -9.09 13.78
N TYR A 154 -9.73 -7.87 13.28
CA TYR A 154 -8.41 -7.33 12.96
C TYR A 154 -7.80 -6.71 14.22
N SER A 155 -6.48 -6.80 14.35
CA SER A 155 -5.77 -6.27 15.53
C SER A 155 -5.24 -4.88 15.19
N THR A 156 -5.87 -3.84 15.75
CA THR A 156 -5.45 -2.48 15.48
C THR A 156 -4.17 -2.20 16.26
N TYR A 157 -3.15 -1.71 15.55
CA TYR A 157 -1.88 -1.25 16.13
C TYR A 157 -1.59 0.16 15.60
N VAL A 158 -0.51 0.75 16.09
CA VAL A 158 -0.04 2.08 15.68
C VAL A 158 1.33 1.89 15.06
N LYS A 159 1.51 2.34 13.81
CA LYS A 159 2.74 2.07 13.08
C LYS A 159 3.88 2.91 13.65
N ASP A 160 4.96 2.24 14.04
CA ASP A 160 6.19 2.86 14.55
C ASP A 160 7.04 3.25 13.35
N GLU A 161 7.02 4.52 12.97
CA GLU A 161 7.70 4.97 11.76
C GLU A 161 7.96 6.48 11.81
N LEU A 162 8.95 6.93 11.03
CA LEU A 162 9.20 8.35 10.87
C LEU A 162 8.02 9.04 10.20
N ARG A 163 7.64 10.21 10.72
CA ARG A 163 6.62 11.05 10.09
C ARG A 163 7.01 12.52 10.20
N SER A 164 6.35 13.32 9.39
CA SER A 164 6.59 14.76 9.41
C SER A 164 6.06 15.34 10.71
N ILE A 165 6.80 16.33 11.21
CA ILE A 165 6.51 16.99 12.48
C ILE A 165 5.05 17.46 12.54
N ASP A 166 4.48 17.84 11.40
CA ASP A 166 3.09 18.29 11.37
C ASP A 166 2.12 17.15 11.70
N LYS A 167 2.34 15.97 11.10
CA LYS A 167 1.48 14.83 11.41
C LYS A 167 1.67 14.37 12.84
N ILE A 168 2.86 14.57 13.39
CA ILE A 168 3.11 14.28 14.79
C ILE A 168 2.22 15.14 15.68
N LYS A 169 2.24 16.46 15.45
CA LYS A 169 1.43 17.37 16.25
C LYS A 169 -0.06 17.16 16.02
N LYS A 170 -0.47 16.84 14.78
CA LYS A 170 -1.87 16.57 14.52
C LYS A 170 -2.29 15.21 15.07
N GLY A 171 -1.37 14.43 15.63
CA GLY A 171 -1.67 13.13 16.17
C GLY A 171 -2.01 12.11 15.11
N LYS A 172 -1.83 12.48 13.83
CA LYS A 172 -2.16 11.62 12.70
C LYS A 172 -1.07 10.56 12.49
N SER A 173 -0.94 9.70 13.50
CA SER A 173 -0.17 8.47 13.36
C SER A 173 -0.99 7.44 12.59
N ARG A 174 -0.32 6.42 12.09
CA ARG A 174 -0.95 5.48 11.17
C ARG A 174 -1.46 4.26 11.93
N LEU A 175 -2.73 3.91 11.69
CA LEU A 175 -3.34 2.76 12.34
C LEU A 175 -3.18 1.54 11.45
N ILE A 176 -2.75 0.44 12.03
CA ILE A 176 -2.54 -0.82 11.32
C ILE A 176 -3.60 -1.80 11.76
N GLU A 177 -4.24 -2.48 10.81
CA GLU A 177 -5.21 -3.55 11.09
C GLU A 177 -4.55 -4.89 10.81
N ALA A 178 -4.02 -5.52 11.87
CA ALA A 178 -3.29 -6.78 11.72
C ALA A 178 -4.24 -7.90 11.32
N SER A 179 -3.79 -8.75 10.40
CA SER A 179 -4.61 -9.86 9.91
C SER A 179 -4.42 -11.13 10.74
N SER A 180 -5.52 -11.81 11.03
CA SER A 180 -5.39 -13.14 11.60
C SER A 180 -4.81 -14.09 10.56
N LEU A 181 -3.93 -14.98 11.01
CA LEU A 181 -3.32 -15.92 10.08
C LEU A 181 -4.37 -16.70 9.33
N ASN A 182 -5.49 -16.98 9.99
CA ASN A 182 -6.57 -17.75 9.35
C ASN A 182 -7.16 -17.01 8.14
N ASP A 183 -7.44 -15.71 8.28
CA ASP A 183 -8.05 -15.00 7.17
C ASP A 183 -7.05 -14.79 6.03
N SER A 184 -5.77 -14.58 6.37
CA SER A 184 -4.73 -14.50 5.35
C SER A 184 -4.66 -15.76 4.50
N VAL A 185 -4.57 -16.93 5.12
CA VAL A 185 -4.53 -18.16 4.34
C VAL A 185 -5.81 -18.31 3.52
N TYR A 186 -6.97 -17.96 4.08
CA TYR A 186 -8.21 -18.20 3.36
C TYR A 186 -8.39 -17.23 2.19
N LEU A 187 -8.12 -15.94 2.41
CA LEU A 187 -8.15 -14.98 1.32
C LEU A 187 -7.13 -15.34 0.25
N ARG A 188 -5.95 -15.81 0.66
CA ARG A 188 -4.94 -16.20 -0.33
C ARG A 188 -5.41 -17.41 -1.14
N MET A 189 -6.09 -18.36 -0.50
CA MET A 189 -6.58 -19.51 -1.25
C MET A 189 -7.61 -19.07 -2.27
N ALA A 190 -8.55 -18.22 -1.86
CA ALA A 190 -9.54 -17.72 -2.80
C ALA A 190 -8.89 -16.96 -3.95
N PHE A 191 -7.99 -16.01 -3.66
CA PHE A 191 -7.56 -15.10 -4.69
C PHE A 191 -6.09 -15.19 -5.07
N GLY A 192 -5.41 -16.27 -4.71
CA GLY A 192 -3.96 -16.31 -4.90
C GLY A 192 -3.53 -16.22 -6.36
N HIS A 193 -4.21 -16.97 -7.23
CA HIS A 193 -3.86 -16.91 -8.64
C HIS A 193 -4.13 -15.52 -9.20
N LEU A 194 -5.14 -14.83 -8.66
CA LEU A 194 -5.34 -13.42 -9.00
C LEU A 194 -4.15 -12.56 -8.58
N TYR A 195 -3.58 -12.84 -7.40
CA TYR A 195 -2.40 -12.10 -6.98
C TYR A 195 -1.24 -12.35 -7.93
N GLU A 196 -0.97 -13.63 -8.21
CA GLU A 196 0.13 -13.97 -9.10
C GLU A 196 -0.06 -13.32 -10.47
N ALA A 197 -1.30 -13.21 -10.91
CA ALA A 197 -1.56 -12.68 -12.25
C ALA A 197 -1.27 -11.18 -12.28
N PHE A 198 -1.66 -10.47 -11.22
CA PHE A 198 -1.33 -9.06 -11.11
C PHE A 198 0.16 -8.85 -10.94
N HIS A 199 0.78 -9.55 -9.98
CA HIS A 199 2.20 -9.39 -9.74
C HIS A 199 3.00 -9.67 -11.01
N ALA A 200 2.45 -10.49 -11.90
CA ALA A 200 3.18 -10.89 -13.09
C ALA A 200 3.03 -9.87 -14.20
N ASN A 201 2.01 -9.01 -14.13
CA ASN A 201 1.68 -8.11 -15.24
C ASN A 201 1.47 -6.69 -14.75
N PRO A 202 2.46 -6.08 -14.09
CA PRO A 202 2.37 -4.63 -13.88
C PRO A 202 2.19 -3.96 -15.23
N GLY A 203 1.26 -3.02 -15.31
CA GLY A 203 1.04 -2.31 -16.54
C GLY A 203 -0.40 -1.87 -16.70
N THR A 204 -0.76 -1.53 -17.93
CA THR A 204 -2.05 -0.93 -18.18
C THR A 204 -3.13 -1.95 -18.50
N ILE A 205 -2.79 -3.23 -18.64
CA ILE A 205 -3.86 -4.23 -18.70
C ILE A 205 -4.45 -4.45 -17.32
N THR A 206 -3.61 -4.87 -16.35
CA THR A 206 -4.04 -4.91 -14.95
C THR A 206 -4.45 -3.53 -14.44
N GLY A 207 -3.89 -2.46 -15.02
CA GLY A 207 -4.05 -1.14 -14.46
C GLY A 207 -3.33 -0.94 -13.14
N SER A 208 -2.37 -1.79 -12.81
CA SER A 208 -1.72 -1.82 -11.51
C SER A 208 -0.20 -1.91 -11.67
N ALA A 209 0.53 -1.43 -10.66
CA ALA A 209 1.99 -1.49 -10.71
C ALA A 209 2.59 -2.37 -9.61
N VAL A 210 1.74 -3.04 -8.82
CA VAL A 210 2.20 -4.09 -7.90
C VAL A 210 3.09 -5.06 -8.65
N GLY A 211 4.30 -5.26 -8.15
CA GLY A 211 5.24 -6.08 -8.87
C GLY A 211 6.15 -5.32 -9.82
N CYS A 212 5.99 -4.01 -9.93
CA CYS A 212 6.92 -3.29 -10.76
C CYS A 212 8.26 -3.06 -10.04
N ASN A 213 9.31 -2.95 -10.85
CA ASN A 213 10.62 -2.54 -10.43
C ASN A 213 10.89 -1.15 -11.00
N PRO A 214 10.82 -0.09 -10.19
CA PRO A 214 10.98 1.27 -10.73
C PRO A 214 12.16 1.46 -11.70
N ASP A 215 13.27 0.74 -11.51
CA ASP A 215 14.46 0.94 -12.32
C ASP A 215 14.20 0.77 -13.81
N THR A 216 13.37 -0.19 -14.18
CA THR A 216 13.05 -0.41 -15.57
C THR A 216 11.66 0.03 -15.94
N PHE A 217 10.69 -0.21 -15.05
CA PHE A 217 9.33 0.24 -15.29
C PHE A 217 9.30 1.72 -15.64
N TRP A 218 10.15 2.53 -15.00
CA TRP A 218 10.09 3.98 -15.19
C TRP A 218 10.31 4.36 -16.65
N SER A 219 11.14 3.61 -17.36
CA SER A 219 11.28 3.84 -18.79
C SER A 219 10.03 3.44 -19.57
N LYS A 220 9.19 2.56 -19.00
CA LYS A 220 8.01 2.12 -19.74
C LYS A 220 6.84 3.09 -19.58
N LEU A 221 6.77 3.80 -18.44
CA LEU A 221 5.56 4.57 -18.17
C LEU A 221 5.23 5.62 -19.24
N PRO A 222 6.18 6.35 -19.84
CA PRO A 222 5.78 7.24 -20.96
C PRO A 222 5.26 6.49 -22.18
N ILE A 223 5.81 5.32 -22.47
CA ILE A 223 5.27 4.48 -23.54
C ILE A 223 3.92 3.89 -23.14
N LEU A 224 3.72 3.63 -21.85
CA LEU A 224 2.49 2.99 -21.40
C LEU A 224 1.36 4.01 -21.25
N LEU A 225 1.70 5.24 -20.86
CA LEU A 225 0.71 6.28 -20.61
C LEU A 225 0.84 7.44 -21.59
N PRO A 226 0.59 7.23 -22.88
CA PRO A 226 0.73 8.32 -23.85
C PRO A 226 -0.45 9.27 -23.77
N GLY A 227 -0.29 10.42 -24.40
CA GLY A 227 -1.37 11.40 -24.37
C GLY A 227 -1.24 12.42 -23.26
N SER A 228 -2.35 12.91 -22.72
CA SER A 228 -2.30 13.92 -21.65
C SER A 228 -2.21 13.24 -20.30
N LEU A 229 -1.10 13.45 -19.58
CA LEU A 229 -0.98 12.96 -18.20
C LEU A 229 -1.93 13.70 -17.29
N PHE A 230 -2.73 12.96 -16.56
CA PHE A 230 -3.34 13.55 -15.38
C PHE A 230 -3.06 12.66 -14.18
N ALA A 231 -2.77 13.30 -13.05
CA ALA A 231 -2.66 12.58 -11.81
C ALA A 231 -3.21 13.46 -10.70
N PHE A 232 -3.43 12.84 -9.56
CA PHE A 232 -3.82 13.55 -8.35
C PHE A 232 -3.55 12.61 -7.19
N ASP A 233 -3.79 13.12 -5.99
CA ASP A 233 -3.62 12.32 -4.78
C ASP A 233 -4.94 12.27 -4.02
N TYR A 234 -5.11 11.18 -3.26
CA TYR A 234 -6.23 11.00 -2.37
C TYR A 234 -5.81 11.36 -0.95
N SER A 235 -6.76 11.85 -0.15
CA SER A 235 -6.58 11.98 1.28
C SER A 235 -7.30 10.83 1.94
N GLY A 236 -6.58 10.01 2.69
CA GLY A 236 -7.15 8.92 3.45
C GLY A 236 -7.94 7.95 2.60
N TYR A 237 -7.34 7.55 1.47
CA TYR A 237 -8.00 6.69 0.49
C TYR A 237 -8.69 5.50 1.14
N ASP A 238 -7.92 4.63 1.80
CA ASP A 238 -8.44 3.37 2.32
C ASP A 238 -9.67 3.59 3.17
N ALA A 239 -9.66 4.62 4.01
CA ALA A 239 -10.74 4.78 4.98
C ALA A 239 -11.98 5.35 4.33
N SER A 240 -11.82 6.18 3.31
CA SER A 240 -12.94 6.83 2.64
C SER A 240 -13.63 5.94 1.61
N LEU A 241 -13.32 4.64 1.53
CA LEU A 241 -14.00 3.76 0.61
C LEU A 241 -15.37 3.40 1.18
N SER A 242 -16.42 3.90 0.53
CA SER A 242 -17.77 3.50 0.87
C SER A 242 -18.04 2.08 0.37
N PRO A 243 -19.03 1.40 0.94
CA PRO A 243 -19.34 0.03 0.47
C PRO A 243 -19.60 -0.06 -1.02
N VAL A 244 -20.14 1.00 -1.63
CA VAL A 244 -20.43 1.00 -3.06
C VAL A 244 -19.28 0.43 -3.85
N TRP A 245 -18.04 0.65 -3.40
CA TRP A 245 -16.86 0.23 -4.12
C TRP A 245 -16.50 -1.21 -3.88
N PHE A 246 -17.02 -1.80 -2.81
CA PHE A 246 -16.85 -3.23 -2.61
C PHE A 246 -17.89 -3.98 -3.40
N ARG A 247 -19.10 -3.44 -3.49
CA ARG A 247 -20.09 -3.97 -4.43
C ARG A 247 -19.56 -3.96 -5.86
N ALA A 248 -18.81 -2.91 -6.25
CA ALA A 248 -18.27 -2.83 -7.60
C ALA A 248 -17.15 -3.84 -7.80
N LEU A 249 -16.29 -4.01 -6.79
CA LEU A 249 -15.23 -5.01 -6.85
C LEU A 249 -15.81 -6.41 -7.02
N GLU A 250 -16.94 -6.69 -6.36
CA GLU A 250 -17.54 -8.02 -6.49
C GLU A 250 -18.10 -8.26 -7.87
N LEU A 251 -18.57 -7.19 -8.53
CA LEU A 251 -19.04 -7.36 -9.89
C LEU A 251 -17.87 -7.64 -10.82
N VAL A 252 -16.70 -7.05 -10.55
CA VAL A 252 -15.54 -7.37 -11.38
C VAL A 252 -15.20 -8.85 -11.24
N LEU A 253 -15.11 -9.33 -10.00
CA LEU A 253 -14.70 -10.71 -9.76
C LEU A 253 -15.72 -11.69 -10.34
N ARG A 254 -17.01 -11.38 -10.21
CA ARG A 254 -18.02 -12.20 -10.86
C ARG A 254 -17.81 -12.20 -12.36
N GLU A 255 -17.69 -11.01 -12.95
CA GLU A 255 -17.50 -10.91 -14.39
C GLU A 255 -16.31 -11.73 -14.85
N ILE A 256 -15.24 -11.83 -14.04
CA ILE A 256 -14.08 -12.59 -14.48
C ILE A 256 -14.19 -14.07 -14.15
N GLY A 257 -15.32 -14.51 -13.64
CA GLY A 257 -15.62 -15.93 -13.54
C GLY A 257 -15.48 -16.54 -12.18
N TYR A 258 -15.50 -15.73 -11.11
CA TYR A 258 -15.37 -16.26 -9.76
C TYR A 258 -16.68 -16.86 -9.26
N SER A 259 -16.57 -17.99 -8.56
CA SER A 259 -17.72 -18.57 -7.88
C SER A 259 -18.30 -17.57 -6.89
N GLU A 260 -19.57 -17.79 -6.51
CA GLU A 260 -20.18 -16.90 -5.54
C GLU A 260 -19.60 -17.08 -4.15
N GLU A 261 -18.98 -18.24 -3.90
CA GLU A 261 -18.34 -18.46 -2.60
C GLU A 261 -17.07 -17.60 -2.48
N ALA A 262 -16.28 -17.50 -3.55
CA ALA A 262 -15.09 -16.65 -3.52
C ALA A 262 -15.47 -15.18 -3.44
N VAL A 263 -16.52 -14.78 -4.17
CA VAL A 263 -16.99 -13.39 -4.14
C VAL A 263 -17.51 -13.02 -2.76
N SER A 264 -17.94 -14.00 -1.98
CA SER A 264 -18.54 -13.68 -0.68
C SER A 264 -17.51 -13.16 0.29
N LEU A 265 -16.24 -13.51 0.12
CA LEU A 265 -15.21 -13.08 1.06
C LEU A 265 -15.02 -11.57 1.06
N ILE A 266 -15.47 -10.89 0.01
CA ILE A 266 -15.22 -9.45 -0.08
C ILE A 266 -16.04 -8.69 0.95
N GLU A 267 -17.26 -9.16 1.22
CA GLU A 267 -18.05 -8.53 2.28
C GLU A 267 -17.36 -8.67 3.64
N GLY A 268 -16.53 -9.69 3.84
CA GLY A 268 -15.75 -9.83 5.06
C GLY A 268 -14.66 -8.79 5.21
N ILE A 269 -14.34 -8.07 4.14
CA ILE A 269 -13.39 -6.97 4.14
C ILE A 269 -14.09 -5.63 4.18
N ASN A 270 -15.20 -5.52 3.45
CA ASN A 270 -16.08 -4.38 3.59
C ASN A 270 -16.42 -4.15 5.06
N HIS A 271 -16.82 -5.22 5.74
CA HIS A 271 -17.36 -5.19 7.09
C HIS A 271 -16.36 -5.88 8.02
N THR A 272 -15.73 -5.10 8.90
CA THR A 272 -14.63 -5.61 9.70
C THR A 272 -14.82 -5.26 11.17
N HIS A 273 -14.29 -6.13 12.04
CA HIS A 273 -14.28 -5.89 13.47
C HIS A 273 -12.84 -5.82 13.94
N HIS A 274 -12.55 -4.83 14.78
CA HIS A 274 -11.19 -4.59 15.22
C HIS A 274 -11.15 -4.51 16.74
N VAL A 275 -10.09 -5.07 17.30
CA VAL A 275 -9.77 -4.88 18.71
C VAL A 275 -8.59 -3.94 18.77
N TYR A 276 -8.79 -2.79 19.42
CA TYR A 276 -7.71 -1.85 19.72
C TYR A 276 -7.61 -1.70 21.23
N ARG A 277 -6.49 -2.14 21.79
CA ARG A 277 -6.29 -2.15 23.24
C ARG A 277 -7.30 -3.06 23.91
N ASN A 278 -8.39 -2.49 24.44
CA ASN A 278 -9.37 -3.26 25.19
C ASN A 278 -10.81 -2.96 24.78
N LYS A 279 -11.01 -2.45 23.57
CA LYS A 279 -12.34 -2.23 23.03
C LYS A 279 -12.41 -2.89 21.66
N THR A 280 -13.64 -3.13 21.19
CA THR A 280 -13.85 -3.62 19.84
C THR A 280 -14.82 -2.70 19.12
N TYR A 281 -14.79 -2.74 17.79
CA TYR A 281 -15.69 -1.88 17.03
C TYR A 281 -15.98 -2.45 15.66
N CYS A 282 -17.19 -2.17 15.20
CA CYS A 282 -17.60 -2.38 13.82
C CYS A 282 -17.02 -1.28 12.94
N VAL A 283 -16.63 -1.65 11.73
CA VAL A 283 -16.31 -0.69 10.67
C VAL A 283 -17.06 -1.16 9.43
N LEU A 284 -17.84 -0.24 8.86
CA LEU A 284 -18.56 -0.52 7.62
C LEU A 284 -17.94 0.32 6.50
N GLY A 285 -17.44 -0.35 5.47
CA GLY A 285 -16.69 0.31 4.44
C GLY A 285 -15.25 0.42 4.90
N GLY A 286 -14.44 1.04 4.06
CA GLY A 286 -13.02 1.11 4.31
C GLY A 286 -12.27 -0.17 4.01
N MET A 287 -11.08 -0.03 3.40
CA MET A 287 -10.19 -1.17 3.16
C MET A 287 -9.32 -1.38 4.40
N PRO A 288 -9.49 -2.49 5.12
CA PRO A 288 -8.61 -2.74 6.28
C PRO A 288 -7.17 -2.90 5.82
N SER A 289 -6.30 -2.13 6.47
CA SER A 289 -4.93 -1.94 5.97
C SER A 289 -4.18 -3.25 5.79
N GLY A 290 -4.30 -4.16 6.74
CA GLY A 290 -3.47 -5.33 6.65
C GLY A 290 -4.18 -6.63 6.27
N CYS A 291 -5.29 -6.57 5.55
CA CYS A 291 -5.86 -7.82 5.07
C CYS A 291 -5.01 -8.38 3.93
N SER A 292 -5.38 -9.55 3.45
CA SER A 292 -4.66 -10.09 2.31
C SER A 292 -5.04 -9.33 1.04
N GLY A 293 -4.06 -9.15 0.16
CA GLY A 293 -4.25 -8.48 -1.10
C GLY A 293 -4.84 -7.08 -1.03
N THR A 294 -4.52 -6.29 0.01
CA THR A 294 -5.04 -4.93 0.03
C THR A 294 -4.51 -4.12 -1.15
N SER A 295 -3.23 -4.27 -1.48
CA SER A 295 -2.72 -3.47 -2.57
C SER A 295 -3.32 -3.90 -3.91
N ILE A 296 -3.57 -5.20 -4.09
CA ILE A 296 -4.27 -5.62 -5.31
C ILE A 296 -5.69 -5.05 -5.31
N PHE A 297 -6.43 -5.28 -4.22
CA PHE A 297 -7.81 -4.81 -4.16
C PHE A 297 -7.90 -3.29 -4.18
N ASN A 298 -6.94 -2.60 -3.53
CA ASN A 298 -6.95 -1.13 -3.56
C ASN A 298 -6.71 -0.60 -4.96
N SER A 299 -5.83 -1.26 -5.72
CA SER A 299 -5.54 -0.85 -7.08
C SER A 299 -6.71 -1.18 -8.01
N MET A 300 -7.31 -2.36 -7.84
CA MET A 300 -8.49 -2.70 -8.64
C MET A 300 -9.59 -1.66 -8.46
N ILE A 301 -9.92 -1.33 -7.21
CA ILE A 301 -10.96 -0.33 -6.99
C ILE A 301 -10.56 1.03 -7.57
N ASN A 302 -9.27 1.36 -7.59
CA ASN A 302 -8.86 2.64 -8.17
C ASN A 302 -9.14 2.69 -9.67
N ASN A 303 -8.96 1.56 -10.37
CA ASN A 303 -9.35 1.47 -11.77
C ASN A 303 -10.84 1.71 -11.93
N ILE A 304 -11.65 1.23 -11.00
CA ILE A 304 -13.10 1.45 -11.09
C ILE A 304 -13.41 2.91 -10.82
N ILE A 305 -12.77 3.48 -9.82
CA ILE A 305 -13.04 4.87 -9.46
C ILE A 305 -12.77 5.80 -10.63
N ILE A 306 -11.55 5.73 -11.18
CA ILE A 306 -11.16 6.66 -12.24
C ILE A 306 -12.12 6.55 -13.42
N ARG A 307 -12.41 5.31 -13.84
CA ARG A 307 -13.39 5.10 -14.89
C ARG A 307 -14.74 5.73 -14.55
N ALA A 308 -15.23 5.49 -13.33
CA ALA A 308 -16.55 6.00 -12.96
C ALA A 308 -16.59 7.54 -12.91
N LEU A 309 -15.51 8.17 -12.42
CA LEU A 309 -15.47 9.63 -12.33
C LEU A 309 -15.44 10.28 -13.70
N LEU A 310 -14.70 9.69 -14.63
CA LEU A 310 -14.64 10.24 -15.97
C LEU A 310 -16.01 10.26 -16.62
N ILE A 311 -16.71 9.12 -16.63
CA ILE A 311 -17.94 9.08 -17.41
C ILE A 311 -19.08 9.81 -16.71
N LYS A 312 -18.98 10.01 -15.40
CA LYS A 312 -20.01 10.77 -14.70
C LYS A 312 -19.77 12.28 -14.78
N THR A 313 -18.52 12.72 -14.93
CA THR A 313 -18.19 14.14 -14.97
C THR A 313 -18.37 14.70 -16.38
N PHE A 314 -17.75 14.02 -17.35
CA PHE A 314 -17.60 14.54 -18.70
C PHE A 314 -18.44 13.73 -19.65
N LYS A 315 -19.15 14.45 -20.53
CA LYS A 315 -19.77 13.82 -21.68
C LYS A 315 -18.69 13.49 -22.70
N GLY A 316 -18.94 12.46 -23.50
CA GLY A 316 -18.03 12.11 -24.58
C GLY A 316 -16.73 11.44 -24.19
N ILE A 317 -16.73 10.65 -23.13
CA ILE A 317 -15.53 9.94 -22.68
C ILE A 317 -15.57 8.53 -23.27
N ASP A 318 -14.50 8.14 -23.95
CA ASP A 318 -14.32 6.75 -24.38
C ASP A 318 -13.35 6.06 -23.43
N LEU A 319 -13.88 5.19 -22.58
CA LEU A 319 -13.06 4.54 -21.57
C LEU A 319 -11.97 3.68 -22.18
N ASP A 320 -12.13 3.28 -23.45
CA ASP A 320 -11.06 2.53 -24.12
C ASP A 320 -9.81 3.38 -24.30
N GLU A 321 -9.93 4.71 -24.25
CA GLU A 321 -8.82 5.60 -24.47
C GLU A 321 -8.09 5.96 -23.19
N LEU A 322 -8.64 5.54 -22.06
CA LEU A 322 -8.00 5.75 -20.77
C LEU A 322 -6.80 4.82 -20.60
N ASN A 323 -5.73 5.38 -20.05
CA ASN A 323 -4.55 4.63 -19.63
C ASN A 323 -4.29 4.96 -18.18
N MET A 324 -4.04 3.93 -17.37
CA MET A 324 -3.75 4.23 -15.97
C MET A 324 -3.05 3.05 -15.31
N VAL A 325 -2.16 3.38 -14.40
CA VAL A 325 -1.48 2.40 -13.57
C VAL A 325 -1.66 2.87 -12.14
N ALA A 326 -2.05 1.95 -11.27
CA ALA A 326 -2.32 2.26 -9.88
C ALA A 326 -1.49 1.34 -9.00
N TYR A 327 -1.08 1.87 -7.83
CA TYR A 327 -0.44 1.10 -6.75
C TYR A 327 -1.20 1.44 -5.48
N GLY A 328 -2.22 0.61 -5.17
CA GLY A 328 -3.20 0.96 -4.17
C GLY A 328 -3.82 2.31 -4.48
N ASP A 329 -3.53 3.33 -3.67
CA ASP A 329 -4.13 4.64 -3.87
C ASP A 329 -3.36 5.52 -4.83
N ASP A 330 -2.08 5.24 -5.07
CA ASP A 330 -1.27 6.05 -5.98
C ASP A 330 -1.72 5.80 -7.41
N VAL A 331 -1.63 6.84 -8.24
CA VAL A 331 -2.17 6.73 -9.60
C VAL A 331 -1.48 7.71 -10.55
N LEU A 332 -1.09 7.19 -11.70
CA LEU A 332 -0.65 7.97 -12.84
C LEU A 332 -1.56 7.58 -13.99
N ALA A 333 -2.03 8.57 -14.75
CA ALA A 333 -2.96 8.27 -15.83
C ALA A 333 -2.81 9.24 -16.99
N SER A 334 -3.33 8.79 -18.14
CA SER A 334 -3.37 9.61 -19.32
C SER A 334 -4.63 9.30 -20.12
N TYR A 335 -4.97 10.28 -20.95
CA TYR A 335 -6.14 10.26 -21.81
C TYR A 335 -5.81 11.17 -22.99
N PRO A 336 -6.35 10.91 -24.18
CA PRO A 336 -6.01 11.78 -25.33
C PRO A 336 -6.26 13.24 -25.06
N PHE A 337 -7.30 13.55 -24.32
CA PHE A 337 -7.61 14.94 -24.05
C PHE A 337 -7.27 15.29 -22.60
N PRO A 338 -6.78 16.50 -22.35
CA PRO A 338 -6.48 16.90 -20.97
C PRO A 338 -7.73 16.90 -20.12
N ILE A 339 -7.55 16.55 -18.85
CA ILE A 339 -8.65 16.31 -17.91
C ILE A 339 -8.67 17.43 -16.88
N ASP A 340 -9.85 18.02 -16.68
CA ASP A 340 -10.03 19.01 -15.63
C ASP A 340 -10.13 18.27 -14.29
N CYS A 341 -9.04 18.24 -13.52
CA CYS A 341 -9.08 17.43 -12.30
C CYS A 341 -9.89 18.07 -11.18
N LEU A 342 -10.20 19.37 -11.27
CA LEU A 342 -11.09 19.93 -10.26
C LEU A 342 -12.51 19.46 -10.47
N GLU A 343 -12.98 19.52 -11.72
CA GLU A 343 -14.27 18.90 -12.04
C GLU A 343 -14.30 17.46 -11.56
N LEU A 344 -13.18 16.73 -11.73
CA LEU A 344 -13.12 15.36 -11.26
C LEU A 344 -13.28 15.29 -9.75
N ALA A 345 -12.57 16.15 -9.02
CA ALA A 345 -12.61 16.07 -7.57
C ALA A 345 -13.99 16.44 -7.05
N LYS A 346 -14.71 17.30 -7.75
CA LYS A 346 -16.02 17.72 -7.27
C LYS A 346 -17.01 16.57 -7.32
N THR A 347 -16.88 15.66 -8.28
CA THR A 347 -17.78 14.51 -8.27
C THR A 347 -17.22 13.43 -7.36
N GLY A 348 -15.89 13.34 -7.23
CA GLY A 348 -15.32 12.45 -6.23
C GLY A 348 -15.88 12.72 -4.85
N LYS A 349 -16.07 14.00 -4.53
CA LYS A 349 -16.71 14.38 -3.27
C LYS A 349 -18.10 13.78 -3.16
N GLU A 350 -18.84 13.72 -4.27
CA GLU A 350 -20.16 13.12 -4.23
C GLU A 350 -20.10 11.63 -3.89
N TYR A 351 -18.95 10.99 -4.06
CA TYR A 351 -18.76 9.59 -3.68
C TYR A 351 -17.97 9.45 -2.39
N GLY A 352 -17.82 10.53 -1.63
CA GLY A 352 -17.01 10.47 -0.43
C GLY A 352 -15.53 10.24 -0.68
N LEU A 353 -14.96 10.86 -1.69
CA LEU A 353 -13.53 10.77 -1.91
C LEU A 353 -12.94 12.17 -1.98
N THR A 354 -11.77 12.32 -1.36
CA THR A 354 -11.09 13.60 -1.21
C THR A 354 -9.81 13.55 -2.03
N MET A 355 -9.84 14.18 -3.21
CA MET A 355 -8.64 14.39 -4.02
C MET A 355 -8.17 15.82 -3.88
N THR A 356 -6.85 16.00 -3.92
CA THR A 356 -6.18 17.27 -3.68
C THR A 356 -5.20 17.56 -4.82
N PRO A 357 -4.34 18.63 -4.77
CA PRO A 357 -3.42 18.90 -5.89
C PRO A 357 -2.74 17.66 -6.50
N VAL A 367 0.26 19.01 -15.21
CA VAL A 367 0.88 17.69 -15.09
C VAL A 367 1.55 17.23 -16.39
N ASN A 368 2.87 17.15 -16.34
CA ASN A 368 3.74 16.61 -17.40
C ASN A 368 4.76 15.67 -16.76
N TRP A 369 5.64 15.11 -17.59
CA TRP A 369 6.64 14.17 -17.06
C TRP A 369 7.66 14.85 -16.15
N GLY A 370 7.95 16.13 -16.35
CA GLY A 370 8.92 16.80 -15.51
C GLY A 370 8.46 17.05 -14.10
N ASN A 371 7.14 17.05 -13.86
CA ASN A 371 6.60 17.23 -12.51
C ASN A 371 5.95 15.98 -11.95
N ALA A 372 5.73 14.94 -12.75
CA ALA A 372 5.00 13.80 -12.24
C ALA A 372 5.80 13.07 -11.17
N THR A 373 5.09 12.44 -10.24
CA THR A 373 5.67 11.49 -9.31
C THR A 373 4.81 10.23 -9.26
N PHE A 374 5.39 9.17 -8.73
CA PHE A 374 4.71 7.88 -8.60
C PHE A 374 5.60 7.01 -7.72
N LEU A 375 5.01 6.33 -6.74
CA LEU A 375 5.79 5.59 -5.75
C LEU A 375 6.90 6.50 -5.23
N LYS A 376 6.55 7.78 -5.12
CA LYS A 376 7.37 8.82 -4.53
C LYS A 376 8.57 9.19 -5.40
N ARG A 377 8.69 8.66 -6.61
CA ARG A 377 9.81 8.99 -7.47
C ARG A 377 9.39 9.93 -8.60
N GLY A 378 10.31 10.80 -9.00
CA GLY A 378 10.14 11.63 -10.18
C GLY A 378 10.61 10.90 -11.42
N PHE A 379 10.55 11.60 -12.54
CA PHE A 379 10.94 11.05 -13.84
C PHE A 379 12.04 11.93 -14.42
N LEU A 380 13.24 11.37 -14.58
CA LEU A 380 14.39 12.14 -15.04
C LEU A 380 15.05 11.41 -16.19
N PRO A 381 14.94 11.91 -17.42
CA PRO A 381 15.58 11.23 -18.53
C PRO A 381 17.09 11.18 -18.33
N ASP A 382 17.69 10.04 -18.64
CA ASP A 382 19.15 9.98 -18.72
C ASP A 382 19.67 10.96 -19.78
N GLU A 383 20.73 11.68 -19.44
CA GLU A 383 21.25 12.69 -20.33
C GLU A 383 21.90 12.07 -21.55
N GLN A 384 22.57 10.95 -21.39
CA GLN A 384 23.19 10.26 -22.52
C GLN A 384 22.20 9.38 -23.28
N PHE A 385 21.05 9.05 -22.69
CA PHE A 385 20.08 8.14 -23.32
C PHE A 385 18.70 8.54 -22.85
N PRO A 386 18.09 9.55 -23.49
CA PRO A 386 16.94 10.21 -22.87
C PRO A 386 15.68 9.37 -22.86
N PHE A 387 15.67 8.25 -23.58
CA PHE A 387 14.56 7.32 -23.55
C PHE A 387 14.59 6.45 -22.30
N LEU A 388 15.70 6.45 -21.57
CA LEU A 388 15.81 5.76 -20.29
C LEU A 388 15.53 6.76 -19.18
N ILE A 389 14.64 6.40 -18.28
CA ILE A 389 14.12 7.32 -17.27
C ILE A 389 14.63 6.90 -15.90
N HIS A 390 15.29 7.82 -15.19
CA HIS A 390 15.68 7.58 -13.81
C HIS A 390 14.48 7.81 -12.89
N PRO A 391 14.12 6.86 -12.04
CA PRO A 391 13.17 7.15 -10.95
C PRO A 391 13.89 7.92 -9.86
N THR A 392 13.38 9.10 -9.51
CA THR A 392 14.14 10.01 -8.66
C THR A 392 13.48 10.10 -7.29
N MET A 393 14.01 9.36 -6.37
CA MET A 393 13.71 9.56 -4.96
C MET A 393 14.29 10.91 -4.54
N PRO A 394 13.51 11.85 -4.02
CA PRO A 394 14.08 13.13 -3.59
C PRO A 394 15.05 12.96 -2.43
N MET A 395 16.17 13.66 -2.53
CA MET A 395 17.21 13.60 -1.50
C MET A 395 16.67 13.99 -0.13
N ARG A 396 15.70 14.90 -0.09
CA ARG A 396 15.14 15.37 1.16
C ARG A 396 14.55 14.22 1.97
N GLU A 397 14.17 13.15 1.29
CA GLU A 397 13.57 11.99 1.96
C GLU A 397 14.63 10.97 2.33
N ILE A 398 15.58 10.76 1.41
CA ILE A 398 16.80 10.03 1.74
C ILE A 398 17.46 10.63 2.96
N HIS A 399 17.36 11.95 3.13
CA HIS A 399 17.95 12.60 4.27
C HIS A 399 17.16 12.29 5.53
N GLU A 400 15.82 12.24 5.41
CA GLU A 400 15.01 11.92 6.57
C GLU A 400 15.32 10.50 7.09
N SER A 401 15.47 9.56 6.16
CA SER A 401 15.72 8.18 6.55
C SER A 401 17.09 8.02 7.21
N ILE A 402 18.11 8.69 6.67
CA ILE A 402 19.47 8.42 7.12
C ILE A 402 19.73 8.94 8.52
N ARG A 403 18.87 9.82 9.03
CA ARG A 403 19.09 10.52 10.28
C ARG A 403 18.68 9.72 11.50
N TRP A 404 18.11 8.53 11.29
CA TRP A 404 17.55 7.68 12.34
C TRP A 404 17.92 6.23 12.08
N THR A 405 17.77 5.41 13.11
CA THR A 405 18.11 4.00 13.03
C THR A 405 17.31 3.27 14.09
N LYS A 406 17.02 2.00 13.84
CA LYS A 406 16.57 1.12 14.91
C LYS A 406 17.73 0.41 15.57
N ASP A 407 18.94 0.57 15.04
CA ASP A 407 20.03 -0.35 15.34
C ASP A 407 21.30 0.08 14.61
N ALA A 408 22.34 0.46 15.35
CA ALA A 408 23.53 0.99 14.70
C ALA A 408 24.30 -0.08 13.92
N ARG A 409 24.13 -1.36 14.27
CA ARG A 409 24.78 -2.40 13.45
C ARG A 409 24.22 -2.41 12.02
N ASN A 410 23.05 -1.80 11.81
CA ASN A 410 22.40 -1.74 10.50
C ASN A 410 22.96 -0.66 9.59
N THR A 411 23.91 0.15 10.06
CA THR A 411 24.33 1.35 9.33
C THR A 411 24.77 1.05 7.89
N GLN A 412 25.60 0.02 7.70
CA GLN A 412 26.20 -0.17 6.40
C GLN A 412 25.16 -0.65 5.39
N ASP A 413 24.21 -1.47 5.83
CA ASP A 413 23.12 -1.90 4.96
C ASP A 413 22.09 -0.79 4.77
N HIS A 414 21.87 0.04 5.80
CA HIS A 414 20.97 1.20 5.67
C HIS A 414 21.50 2.20 4.64
N VAL A 415 22.72 2.68 4.83
CA VAL A 415 23.30 3.68 3.93
C VAL A 415 23.32 3.14 2.51
N ARG A 416 23.48 1.84 2.35
CA ARG A 416 23.73 1.34 1.02
C ARG A 416 22.44 1.25 0.23
N SER A 417 21.34 0.84 0.87
CA SER A 417 20.02 0.97 0.28
C SER A 417 19.73 2.41 -0.09
N LEU A 418 20.10 3.36 0.79
CA LEU A 418 19.86 4.76 0.47
C LEU A 418 20.61 5.19 -0.78
N CYS A 419 21.82 4.66 -0.97
CA CYS A 419 22.61 5.00 -2.14
C CYS A 419 21.98 4.45 -3.41
N LEU A 420 21.40 3.24 -3.35
CA LEU A 420 20.78 2.68 -4.56
C LEU A 420 19.55 3.47 -4.97
N LEU A 421 18.91 4.19 -4.04
CA LEU A 421 17.86 5.10 -4.44
C LEU A 421 18.44 6.45 -4.87
N ALA A 422 19.50 6.89 -4.20
CA ALA A 422 19.93 8.29 -4.29
C ALA A 422 20.58 8.65 -5.62
N TRP A 423 21.30 7.69 -6.24
CA TRP A 423 22.17 8.04 -7.36
C TRP A 423 21.40 8.44 -8.60
N HIS A 424 20.13 8.02 -8.72
CA HIS A 424 19.31 8.41 -9.87
C HIS A 424 19.14 9.90 -9.98
N ASN A 425 19.41 10.64 -8.91
CA ASN A 425 19.38 12.09 -8.98
C ASN A 425 20.57 12.66 -9.69
N GLY A 426 21.57 11.84 -10.00
CA GLY A 426 22.65 12.29 -10.84
C GLY A 426 23.97 12.32 -10.10
N LYS A 427 25.02 12.60 -10.86
CA LYS A 427 26.35 12.48 -10.29
C LYS A 427 26.62 13.56 -9.25
N GLN A 428 26.35 14.82 -9.61
CA GLN A 428 26.68 15.93 -8.72
C GLN A 428 25.96 15.80 -7.38
N GLU A 429 24.72 15.32 -7.42
CA GLU A 429 23.92 15.22 -6.22
C GLU A 429 24.29 13.95 -5.46
N TYR A 430 24.62 12.87 -6.18
CA TYR A 430 25.10 11.67 -5.50
C TYR A 430 26.43 11.90 -4.79
N GLU A 431 27.26 12.80 -5.30
CA GLU A 431 28.56 13.00 -4.67
C GLU A 431 28.48 13.89 -3.45
N LYS A 432 27.65 14.94 -3.52
CA LYS A 432 27.33 15.72 -2.33
C LYS A 432 26.85 14.82 -1.21
N PHE A 433 25.92 13.91 -1.52
CA PHE A 433 25.38 12.98 -0.54
C PHE A 433 26.48 12.12 0.06
N VAL A 434 27.32 11.53 -0.78
CA VAL A 434 28.36 10.61 -0.33
C VAL A 434 29.43 11.32 0.47
N SER A 435 29.86 12.52 0.02
CA SER A 435 30.91 13.20 0.77
C SER A 435 30.38 13.74 2.09
N THR A 436 29.09 14.05 2.18
CA THR A 436 28.52 14.37 3.49
C THR A 436 28.55 13.16 4.41
N ILE A 437 28.31 11.97 3.88
CA ILE A 437 28.38 10.77 4.69
C ILE A 437 29.81 10.53 5.18
N ARG A 438 30.79 10.79 4.32
CA ARG A 438 32.18 10.53 4.65
C ARG A 438 32.80 11.63 5.51
N SER A 439 32.00 12.51 6.07
CA SER A 439 32.55 13.56 6.91
C SER A 439 32.56 13.20 8.39
N VAL A 440 31.92 12.09 8.77
CA VAL A 440 32.02 11.49 10.11
C VAL A 440 32.63 10.10 9.95
N PRO A 441 33.36 9.57 10.97
CA PRO A 441 34.30 8.48 10.71
C PRO A 441 33.62 7.15 10.45
N VAL A 442 32.43 6.97 11.03
CA VAL A 442 31.57 5.86 10.65
C VAL A 442 31.32 5.87 9.13
N GLY A 443 30.97 7.05 8.60
CA GLY A 443 30.67 7.14 7.17
C GLY A 443 31.87 6.82 6.30
N ARG A 444 33.07 7.23 6.73
CA ARG A 444 34.29 6.93 5.98
C ARG A 444 34.67 5.47 6.06
N ALA A 445 34.15 4.74 7.03
CA ALA A 445 34.47 3.33 7.11
C ALA A 445 33.58 2.49 6.21
N LEU A 446 32.39 2.97 5.88
CA LEU A 446 31.42 2.24 5.06
C LEU A 446 31.94 2.02 3.64
N ALA A 447 31.52 0.91 3.04
CA ALA A 447 31.69 0.70 1.59
C ALA A 447 30.52 1.37 0.89
N ILE A 448 30.82 2.40 0.12
CA ILE A 448 29.82 3.20 -0.59
C ILE A 448 29.84 2.79 -2.06
N PRO A 449 28.71 2.39 -2.65
CA PRO A 449 28.72 2.10 -4.08
C PRO A 449 29.10 3.33 -4.89
N ASN A 450 29.91 3.09 -5.90
CA ASN A 450 30.48 4.14 -6.73
C ASN A 450 29.55 4.45 -7.93
N TYR A 451 29.45 5.75 -8.25
CA TYR A 451 28.41 6.24 -9.15
C TYR A 451 28.50 5.61 -10.53
N GLU A 452 29.69 5.55 -11.10
CA GLU A 452 29.79 5.04 -12.46
C GLU A 452 29.43 3.57 -12.49
N ASN A 453 29.71 2.84 -11.40
CA ASN A 453 29.31 1.44 -11.29
C ASN A 453 27.79 1.32 -11.28
N LEU A 454 27.12 2.19 -10.53
CA LEU A 454 25.66 2.14 -10.45
C LEU A 454 25.04 2.43 -11.80
N ARG A 455 25.45 3.53 -12.43
CA ARG A 455 24.94 3.83 -13.76
C ARG A 455 25.24 2.70 -14.74
N ARG A 456 26.45 2.14 -14.70
CA ARG A 456 26.84 1.08 -15.64
C ARG A 456 25.92 -0.13 -15.50
N ASN A 457 25.71 -0.58 -14.26
CA ASN A 457 24.82 -1.72 -14.01
C ASN A 457 23.38 -1.41 -14.37
N TRP A 458 22.96 -0.15 -14.21
CA TRP A 458 21.60 0.22 -14.57
C TRP A 458 21.39 0.10 -16.07
N LEU A 459 22.27 0.71 -16.86
CA LEU A 459 22.17 0.65 -18.32
C LEU A 459 22.16 -0.78 -18.80
N GLU A 460 22.96 -1.63 -18.17
CA GLU A 460 22.98 -3.02 -18.58
C GLU A 460 21.65 -3.72 -18.31
N LEU A 461 20.77 -3.14 -17.48
CA LEU A 461 19.46 -3.74 -17.29
C LEU A 461 18.64 -3.75 -18.55
N PHE A 462 19.03 -2.99 -19.55
CA PHE A 462 18.26 -2.87 -20.77
C PHE A 462 18.93 -3.60 -21.94
N1 DOC C 13 2.46 1.37 -0.47
C2 DOC C 13 2.20 0.14 0.15
N3 DOC C 13 2.74 -0.16 1.36
C4 DOC C 13 3.55 0.72 2.00
C5 DOC C 13 3.83 2.00 1.42
C6 DOC C 13 3.27 2.28 0.18
O2 DOC C 13 1.47 -0.66 -0.45
N4 DOC C 13 4.06 0.37 3.17
C1' DOC C 13 1.80 1.66 -1.80
C2' DOC C 13 0.48 2.34 -1.57
C3' DOC C 13 0.83 3.82 -1.82
C4' DOC C 13 1.97 3.78 -2.86
O4' DOC C 13 2.60 2.50 -2.59
C5' DOC C 13 2.91 4.91 -2.76
O5' DOC C 13 3.46 4.96 -1.43
P DOC C 13 4.86 6.04 -1.00
OP1 DOC C 13 4.43 7.31 -1.69
OP2 DOC C 13 4.83 6.04 0.51
MG MG D . 0.77 10.12 -6.27
ZN ZN E . -20.34 -5.75 12.67
N1 DCT F . 0.41 2.12 3.21
C2 DCT F . 0.44 0.90 3.80
N3 DCT F . 1.28 0.66 4.82
C4 DCT F . 2.12 1.63 5.27
C5 DCT F . 2.11 2.87 4.65
C6 DCT F . 1.24 3.08 3.61
O2 DCT F . -0.39 -0.11 3.40
N4 DCT F . 2.99 1.40 6.30
C1' DCT F . -0.49 2.44 2.09
C2' DCT F . -1.93 2.59 2.55
C3' DCT F . -2.40 3.91 1.97
C4' DCT F . -1.14 4.69 1.58
O4' DCT F . -0.08 3.72 1.56
C5' DCT F . -0.84 5.81 2.59
O5' DCT F . 0.19 6.68 2.10
PA DCT F . 0.86 7.84 3.01
O1A DCT F . 2.27 7.54 3.35
O2A DCT F . 0.04 8.05 4.37
O3A DCT F . 0.84 9.14 2.04
PB DCT F . -0.50 10.02 1.76
O1B DCT F . -0.05 11.44 1.12
O2B DCT F . -1.47 9.35 0.85
O3B DCT F . -1.06 10.35 3.25
PG DCT F . -2.41 9.73 3.88
O1G DCT F . -2.06 9.55 5.45
O2G DCT F . -2.79 8.29 3.27
O3G DCT F . -3.54 10.69 3.72
#